data_9IUX
#
_entry.id   9IUX
#
_cell.length_a   40.630
_cell.length_b   40.630
_cell.length_c   167.429
_cell.angle_alpha   90.000
_cell.angle_beta   90.000
_cell.angle_gamma   90.000
#
_symmetry.space_group_name_H-M   'P 43 21 2'
#
loop_
_entity.id
_entity.type
_entity.pdbx_description
1 polymer 'Hemoglobin subunit mu'
2 non-polymer 'PROTOPORPHYRIN IX CONTAINING FE'
3 water water
#
_entity_poly.entity_id   1
_entity_poly.type   'polypeptide(L)'
_entity_poly.pdbx_seq_one_letter_code
;MLSAQERAQIAQVWDLIAGHEAQFGAELLLRLFTVYPSTKVYFPHLSASQDATQLLSHGQR(MHO)LAAVGAAVQHVDNL
RAALSPLADLHALVLRVDPANFPLLIQSFHVVLASHLQDEFTVQMQAAWDKFLTGVAVVLTEKYR
;
_entity_poly.pdbx_strand_id   A
#
# COMPACT_ATOMS: atom_id res chain seq x y z
N MET A 1 6.27 12.28 -10.33
CA MET A 1 6.55 13.66 -9.95
C MET A 1 5.39 14.28 -9.16
N LEU A 2 5.59 14.39 -7.85
CA LEU A 2 4.61 14.94 -6.93
C LEU A 2 4.90 16.41 -6.66
N SER A 3 3.87 17.24 -6.68
CA SER A 3 4.01 18.65 -6.37
C SER A 3 4.18 18.84 -4.86
N ALA A 4 4.54 20.08 -4.48
CA ALA A 4 4.69 20.39 -3.06
C ALA A 4 3.37 20.23 -2.30
N GLN A 5 2.26 20.68 -2.89
CA GLN A 5 0.96 20.46 -2.28
C GLN A 5 0.63 18.99 -2.16
N GLU A 6 0.90 18.21 -3.22
CA GLU A 6 0.65 16.77 -3.16
C GLU A 6 1.51 16.09 -2.12
N ARG A 7 2.77 16.51 -1.98
CA ARG A 7 3.61 15.95 -0.91
C ARG A 7 3.06 16.28 0.47
N ALA A 8 2.54 17.50 0.64
CA ALA A 8 1.92 17.85 1.91
C ALA A 8 0.69 16.98 2.15
N GLN A 9 -0.09 16.73 1.11
CA GLN A 9 -1.29 15.91 1.25
C GLN A 9 -0.94 14.48 1.65
N ILE A 10 0.08 13.88 1.02
CA ILE A 10 0.39 12.49 1.39
C ILE A 10 0.99 12.43 2.79
N ALA A 11 1.71 13.46 3.22
CA ALA A 11 2.16 13.50 4.61
C ALA A 11 0.98 13.55 5.57
N GLN A 12 -0.08 14.29 5.22
CA GLN A 12 -1.26 14.31 6.06
C GLN A 12 -1.94 12.95 6.11
N VAL A 13 -2.01 12.23 4.99
CA VAL A 13 -2.58 10.90 5.03
C VAL A 13 -1.73 10.00 5.92
N TRP A 14 -0.41 10.05 5.76
CA TRP A 14 0.43 9.18 6.56
C TRP A 14 0.28 9.47 8.05
N ASP A 15 0.16 10.75 8.43
CA ASP A 15 -0.02 11.08 9.84
C ASP A 15 -1.28 10.42 10.42
N LEU A 16 -2.27 10.15 9.59
CA LEU A 16 -3.48 9.48 10.04
C LEU A 16 -3.35 7.96 10.06
N ILE A 17 -2.33 7.41 9.39
CA ILE A 17 -2.08 5.98 9.41
C ILE A 17 -1.15 5.59 10.54
N ALA A 18 -0.18 6.45 10.85
CA ALA A 18 0.88 6.11 11.79
C ALA A 18 0.33 5.61 13.12
N GLY A 19 0.83 4.46 13.56
CA GLY A 19 0.32 3.81 14.75
C GLY A 19 -0.72 2.75 14.47
N HIS A 20 -1.26 2.72 13.25
CA HIS A 20 -2.32 1.78 12.88
C HIS A 20 -1.88 0.86 11.75
N GLU A 21 -0.58 0.80 11.48
CA GLU A 21 -0.08 0.00 10.35
C GLU A 21 -0.57 -1.44 10.41
N ALA A 22 -0.48 -2.08 11.59
CA ALA A 22 -0.87 -3.48 11.68
C ALA A 22 -2.37 -3.65 11.45
N GLN A 23 -3.19 -2.85 12.14
N GLN A 23 -3.19 -2.85 12.14
CA GLN A 23 -4.65 -3.02 12.01
CA GLN A 23 -4.65 -2.98 12.02
C GLN A 23 -5.12 -2.65 10.60
C GLN A 23 -5.11 -2.65 10.60
N PHE A 24 -4.69 -1.50 10.08
CA PHE A 24 -5.12 -1.12 8.74
C PHE A 24 -4.60 -2.08 7.68
N GLY A 25 -3.36 -2.55 7.85
CA GLY A 25 -2.80 -3.47 6.89
C GLY A 25 -3.49 -4.82 6.90
N ALA A 26 -3.85 -5.32 8.08
CA ALA A 26 -4.62 -6.55 8.17
C ALA A 26 -5.97 -6.39 7.48
N GLU A 27 -6.64 -5.25 7.70
CA GLU A 27 -7.95 -5.05 7.07
C GLU A 27 -7.81 -4.91 5.57
N LEU A 28 -6.73 -4.27 5.12
CA LEU A 28 -6.46 -4.18 3.69
C LEU A 28 -6.35 -5.57 3.07
N LEU A 29 -5.58 -6.46 3.70
CA LEU A 29 -5.41 -7.80 3.17
C LEU A 29 -6.74 -8.55 3.17
N LEU A 30 -7.50 -8.45 4.26
N LEU A 30 -7.49 -8.45 4.27
CA LEU A 30 -8.79 -9.13 4.33
CA LEU A 30 -8.80 -9.12 4.33
C LEU A 30 -9.73 -8.65 3.24
C LEU A 30 -9.71 -8.65 3.21
N ARG A 31 -9.72 -7.34 2.95
CA ARG A 31 -10.59 -6.81 1.92
C ARG A 31 -10.12 -7.28 0.55
N LEU A 32 -8.81 -7.25 0.33
CA LEU A 32 -8.24 -7.74 -0.91
C LEU A 32 -8.60 -9.20 -1.15
N PHE A 33 -8.46 -10.04 -0.11
CA PHE A 33 -8.72 -11.48 -0.27
C PHE A 33 -10.18 -11.77 -0.57
N THR A 34 -11.09 -10.97 0.01
CA THR A 34 -12.52 -11.22 -0.14
C THR A 34 -13.05 -10.68 -1.47
N VAL A 35 -12.68 -9.44 -1.81
CA VAL A 35 -13.20 -8.87 -3.05
C VAL A 35 -12.49 -9.45 -4.26
N TYR A 36 -11.20 -9.80 -4.13
CA TYR A 36 -10.40 -10.36 -5.22
C TYR A 36 -9.76 -11.67 -4.75
N PRO A 37 -10.54 -12.75 -4.70
CA PRO A 37 -10.00 -14.02 -4.15
C PRO A 37 -8.79 -14.55 -4.90
N SER A 38 -8.57 -14.15 -6.16
CA SER A 38 -7.36 -14.56 -6.88
C SER A 38 -6.08 -14.12 -6.19
N THR A 39 -6.16 -13.12 -5.32
CA THR A 39 -4.96 -12.66 -4.63
C THR A 39 -4.55 -13.60 -3.50
N LYS A 40 -5.43 -14.50 -3.07
CA LYS A 40 -5.12 -15.33 -1.92
C LYS A 40 -3.96 -16.27 -2.19
N VAL A 41 -3.68 -16.58 -3.46
CA VAL A 41 -2.63 -17.55 -3.77
C VAL A 41 -1.25 -17.02 -3.37
N TYR A 42 -1.12 -15.71 -3.23
CA TYR A 42 0.15 -15.14 -2.81
C TYR A 42 0.40 -15.31 -1.32
N PHE A 43 -0.64 -15.64 -0.55
CA PHE A 43 -0.53 -15.66 0.91
C PHE A 43 -1.09 -16.97 1.46
N PRO A 44 -0.53 -18.11 1.07
CA PRO A 44 -1.03 -19.38 1.61
C PRO A 44 -0.89 -19.48 3.11
N HIS A 45 0.12 -18.80 3.68
N HIS A 45 0.14 -18.83 3.68
CA HIS A 45 0.31 -18.81 5.12
CA HIS A 45 0.29 -18.82 5.14
C HIS A 45 -0.78 -18.02 5.84
C HIS A 45 -0.87 -18.08 5.80
N LEU A 46 -1.28 -16.94 5.22
CA LEU A 46 -2.29 -16.08 5.84
C LEU A 46 -3.71 -16.50 5.48
N SER A 47 -3.88 -17.41 4.53
CA SER A 47 -5.20 -17.74 4.00
C SER A 47 -6.00 -18.60 4.98
N ALA A 52 -4.63 -15.40 11.69
CA ALA A 52 -5.28 -14.09 11.76
C ALA A 52 -4.36 -13.05 12.40
N THR A 53 -3.56 -13.49 13.37
CA THR A 53 -2.53 -12.62 13.92
C THR A 53 -1.38 -12.46 12.92
N GLN A 54 -1.17 -13.46 12.06
CA GLN A 54 -0.16 -13.32 11.02
C GLN A 54 -0.56 -12.25 10.02
N LEU A 55 -1.86 -12.01 9.86
CA LEU A 55 -2.35 -10.88 9.07
C LEU A 55 -1.87 -9.55 9.65
N LEU A 56 -1.92 -9.40 10.97
CA LEU A 56 -1.47 -8.18 11.60
C LEU A 56 0.02 -7.95 11.35
N SER A 57 0.81 -9.03 11.40
CA SER A 57 2.25 -8.89 11.19
C SER A 57 2.54 -8.48 9.75
N HIS A 58 1.92 -9.16 8.77
CA HIS A 58 2.24 -8.78 7.41
C HIS A 58 1.71 -7.40 7.09
N GLY A 59 0.50 -7.09 7.57
CA GLY A 59 -0.03 -5.75 7.37
C GLY A 59 0.89 -4.69 7.91
N GLN A 60 1.47 -4.94 9.10
CA GLN A 60 2.39 -3.98 9.68
C GLN A 60 3.61 -3.75 8.79
N ARG A 61 4.22 -4.84 8.30
N ARG A 61 4.17 -4.83 8.25
CA ARG A 61 5.40 -4.72 7.44
CA ARG A 61 5.40 -4.68 7.49
C ARG A 61 5.09 -3.90 6.20
C ARG A 61 5.13 -3.96 6.17
N LEU A 63 2.59 -1.76 5.50
CA LEU A 63 2.27 -0.32 5.64
C LEU A 63 3.46 0.46 6.21
N ALA A 64 4.32 -0.18 7.01
CA ALA A 64 5.54 0.50 7.43
C ALA A 64 6.41 0.83 6.23
N ALA A 65 6.46 -0.07 5.24
CA ALA A 65 7.21 0.21 4.02
C ALA A 65 6.59 1.36 3.26
N VAL A 66 5.25 1.46 3.27
CA VAL A 66 4.60 2.60 2.63
C VAL A 66 5.02 3.90 3.29
N GLY A 67 5.05 3.90 4.63
CA GLY A 67 5.47 5.09 5.34
C GLY A 67 6.91 5.49 5.02
N ALA A 68 7.79 4.50 4.92
CA ALA A 68 9.16 4.79 4.53
C ALA A 68 9.22 5.37 3.13
N ALA A 69 8.37 4.88 2.23
CA ALA A 69 8.38 5.41 0.86
C ALA A 69 7.95 6.87 0.83
N VAL A 70 7.07 7.28 1.73
CA VAL A 70 6.65 8.68 1.78
C VAL A 70 7.85 9.59 1.98
N GLN A 71 8.80 9.16 2.80
CA GLN A 71 10.01 9.95 3.02
C GLN A 71 11.00 9.87 1.86
N HIS A 72 10.73 9.11 0.81
CA HIS A 72 11.72 8.93 -0.26
C HIS A 72 11.12 9.09 -1.65
N VAL A 73 10.13 9.97 -1.81
CA VAL A 73 9.49 10.13 -3.12
C VAL A 73 10.49 10.61 -4.17
N ASP A 74 11.53 11.32 -3.76
CA ASP A 74 12.51 11.85 -4.70
C ASP A 74 13.48 10.79 -5.22
N ASN A 75 13.64 9.68 -4.50
CA ASN A 75 14.54 8.61 -4.94
C ASN A 75 13.92 7.26 -4.61
N LEU A 76 12.68 7.07 -5.06
CA LEU A 76 11.94 5.85 -4.76
C LEU A 76 12.62 4.60 -5.31
N ARG A 77 13.20 4.69 -6.52
CA ARG A 77 13.78 3.50 -7.12
C ARG A 77 14.97 2.98 -6.31
N ALA A 78 15.84 3.88 -5.87
CA ALA A 78 16.95 3.48 -5.03
C ALA A 78 16.45 2.95 -3.68
N ALA A 79 15.56 3.69 -3.02
CA ALA A 79 15.13 3.31 -1.69
C ALA A 79 14.35 2.02 -1.68
N LEU A 80 13.57 1.74 -2.73
CA LEU A 80 12.74 0.55 -2.78
C LEU A 80 13.37 -0.58 -3.55
N SER A 81 14.61 -0.44 -4.00
CA SER A 81 15.23 -1.47 -4.83
C SER A 81 15.13 -2.87 -4.24
N PRO A 82 15.44 -3.10 -2.95
CA PRO A 82 15.28 -4.46 -2.42
C PRO A 82 13.86 -4.96 -2.48
N LEU A 83 12.90 -4.08 -2.20
CA LEU A 83 11.50 -4.48 -2.22
C LEU A 83 11.02 -4.72 -3.64
N ALA A 84 11.57 -3.97 -4.61
CA ALA A 84 11.25 -4.20 -6.02
C ALA A 84 11.78 -5.56 -6.48
N ASP A 85 13.03 -5.88 -6.13
CA ASP A 85 13.55 -7.22 -6.41
C ASP A 85 12.68 -8.30 -5.79
N LEU A 86 12.29 -8.10 -4.53
CA LEU A 86 11.48 -9.11 -3.85
C LEU A 86 10.16 -9.37 -4.56
N HIS A 87 9.41 -8.31 -4.88
CA HIS A 87 8.08 -8.52 -5.45
C HIS A 87 8.14 -8.97 -6.90
N ALA A 88 9.07 -8.41 -7.68
CA ALA A 88 9.08 -8.71 -9.11
C ALA A 88 9.81 -10.01 -9.42
N LEU A 89 10.92 -10.28 -8.74
CA LEU A 89 11.82 -11.37 -9.11
C LEU A 89 11.68 -12.59 -8.22
N VAL A 90 11.47 -12.41 -6.93
CA VAL A 90 11.44 -13.51 -5.97
C VAL A 90 10.01 -14.01 -5.76
N LEU A 91 9.08 -13.09 -5.49
CA LEU A 91 7.69 -13.44 -5.26
C LEU A 91 6.92 -13.57 -6.55
N ARG A 92 7.39 -12.93 -7.63
CA ARG A 92 6.72 -12.96 -8.93
C ARG A 92 5.27 -12.50 -8.80
N VAL A 93 5.08 -11.34 -8.16
CA VAL A 93 3.71 -10.81 -8.03
C VAL A 93 3.29 -10.19 -9.35
N ASP A 94 2.25 -10.74 -9.95
CA ASP A 94 1.75 -10.21 -11.21
C ASP A 94 1.41 -8.73 -11.02
N PRO A 95 1.93 -7.84 -11.87
CA PRO A 95 1.65 -6.41 -11.69
C PRO A 95 0.18 -6.05 -11.60
N ALA A 96 -0.72 -6.84 -12.18
CA ALA A 96 -2.14 -6.51 -12.14
C ALA A 96 -2.70 -6.53 -10.73
N ASN A 97 -1.99 -7.16 -9.78
CA ASN A 97 -2.46 -7.16 -8.40
C ASN A 97 -2.29 -5.82 -7.72
N PHE A 98 -1.40 -4.97 -8.21
CA PHE A 98 -1.09 -3.77 -7.44
C PHE A 98 -2.25 -2.76 -7.47
N PRO A 99 -2.94 -2.52 -8.61
CA PRO A 99 -4.12 -1.65 -8.55
C PRO A 99 -5.19 -2.19 -7.62
N LEU A 100 -5.36 -3.52 -7.54
CA LEU A 100 -6.35 -4.08 -6.64
C LEU A 100 -6.02 -3.74 -5.18
N LEU A 101 -4.74 -3.80 -4.84
CA LEU A 101 -4.33 -3.43 -3.49
C LEU A 101 -4.54 -1.94 -3.23
N ILE A 102 -4.17 -1.09 -4.19
CA ILE A 102 -4.31 0.36 -4.01
C ILE A 102 -5.78 0.74 -3.82
N GLN A 103 -6.66 0.22 -4.70
CA GLN A 103 -8.09 0.50 -4.53
C GLN A 103 -8.60 0.02 -3.18
N SER A 104 -8.17 -1.16 -2.75
CA SER A 104 -8.58 -1.71 -1.47
C SER A 104 -8.10 -0.82 -0.33
N PHE A 105 -6.90 -0.24 -0.48
CA PHE A 105 -6.34 0.61 0.56
C PHE A 105 -7.17 1.87 0.74
N HIS A 106 -7.61 2.49 -0.36
CA HIS A 106 -8.50 3.65 -0.25
C HIS A 106 -9.76 3.33 0.52
N VAL A 107 -10.34 2.14 0.29
CA VAL A 107 -11.59 1.78 0.98
C VAL A 107 -11.36 1.64 2.47
N VAL A 108 -10.27 0.96 2.85
CA VAL A 108 -9.98 0.80 4.28
C VAL A 108 -9.75 2.15 4.94
N LEU A 109 -8.98 3.03 4.29
CA LEU A 109 -8.76 4.35 4.87
C LEU A 109 -10.06 5.13 5.00
N ALA A 110 -10.92 5.07 3.99
CA ALA A 110 -12.20 5.78 4.06
C ALA A 110 -13.06 5.26 5.20
N SER A 111 -13.07 3.95 5.42
N SER A 111 -13.06 3.96 5.42
CA SER A 111 -13.89 3.37 6.48
CA SER A 111 -13.89 3.37 6.48
C SER A 111 -13.48 3.90 7.84
C SER A 111 -13.48 3.87 7.85
N HIS A 112 -12.18 4.14 8.06
CA HIS A 112 -11.70 4.57 9.35
C HIS A 112 -11.66 6.08 9.48
N LEU A 113 -11.28 6.77 8.41
CA LEU A 113 -11.03 8.20 8.48
C LEU A 113 -12.23 9.03 8.05
N GLN A 114 -13.17 8.42 7.33
CA GLN A 114 -14.41 9.07 6.83
C GLN A 114 -14.02 10.34 6.09
N ASP A 115 -14.67 11.47 6.37
CA ASP A 115 -14.43 12.67 5.58
C ASP A 115 -13.10 13.34 5.86
N GLU A 116 -12.35 12.89 6.87
CA GLU A 116 -10.97 13.37 7.03
C GLU A 116 -10.08 12.94 5.87
N PHE A 117 -10.44 11.85 5.19
CA PHE A 117 -9.71 11.37 4.02
C PHE A 117 -10.35 12.04 2.81
N THR A 118 -9.94 13.29 2.57
CA THR A 118 -10.63 14.12 1.58
C THR A 118 -10.32 13.67 0.17
N VAL A 119 -11.12 14.16 -0.79
CA VAL A 119 -10.87 13.73 -2.17
C VAL A 119 -9.53 14.26 -2.66
N GLN A 120 -9.12 15.44 -2.19
N GLN A 120 -9.12 15.46 -2.22
CA GLN A 120 -7.81 15.96 -2.53
CA GLN A 120 -7.78 15.94 -2.55
C GLN A 120 -6.69 15.06 -1.99
C GLN A 120 -6.70 15.02 -2.01
N MET A 121 -6.86 14.58 -0.76
CA MET A 121 -5.89 13.66 -0.17
C MET A 121 -5.87 12.34 -0.94
N GLN A 122 -7.05 11.84 -1.33
CA GLN A 122 -7.11 10.58 -2.07
C GLN A 122 -6.40 10.68 -3.41
N ALA A 123 -6.59 11.80 -4.12
CA ALA A 123 -5.92 11.97 -5.40
C ALA A 123 -4.40 11.92 -5.25
N ALA A 124 -3.89 12.61 -4.24
CA ALA A 124 -2.44 12.62 -4.02
C ALA A 124 -1.95 11.25 -3.60
N TRP A 125 -2.68 10.62 -2.69
CA TRP A 125 -2.33 9.29 -2.22
C TRP A 125 -2.34 8.28 -3.37
N ASP A 126 -3.34 8.38 -4.24
CA ASP A 126 -3.41 7.46 -5.37
C ASP A 126 -2.23 7.66 -6.31
N LYS A 127 -1.86 8.91 -6.58
CA LYS A 127 -0.71 9.17 -7.44
C LYS A 127 0.56 8.62 -6.82
N PHE A 128 0.73 8.84 -5.52
CA PHE A 128 1.91 8.33 -4.81
C PHE A 128 1.98 6.81 -4.87
N LEU A 129 0.88 6.13 -4.51
CA LEU A 129 0.91 4.68 -4.48
C LEU A 129 1.05 4.09 -5.88
N THR A 130 0.46 4.73 -6.89
CA THR A 130 0.65 4.25 -8.26
C THR A 130 2.12 4.31 -8.64
N GLY A 131 2.83 5.34 -8.18
CA GLY A 131 4.27 5.41 -8.45
C GLY A 131 5.07 4.36 -7.71
N VAL A 132 4.71 4.10 -6.45
CA VAL A 132 5.34 3.01 -5.71
C VAL A 132 5.13 1.69 -6.46
N ALA A 133 3.91 1.48 -6.96
CA ALA A 133 3.62 0.24 -7.67
C ALA A 133 4.45 0.12 -8.94
N VAL A 134 4.67 1.22 -9.65
CA VAL A 134 5.50 1.16 -10.85
C VAL A 134 6.89 0.66 -10.48
N VAL A 135 7.44 1.21 -9.39
CA VAL A 135 8.78 0.79 -8.96
C VAL A 135 8.80 -0.69 -8.59
N LEU A 136 7.75 -1.17 -7.92
CA LEU A 136 7.73 -2.55 -7.43
C LEU A 136 7.38 -3.56 -8.52
N THR A 137 6.95 -3.12 -9.70
CA THR A 137 6.58 -4.04 -10.77
C THR A 137 7.43 -3.95 -12.02
N GLU A 138 8.21 -2.87 -12.19
CA GLU A 138 8.84 -2.67 -13.48
C GLU A 138 9.92 -3.70 -13.79
N LYS A 139 10.43 -4.41 -12.78
CA LYS A 139 11.40 -5.46 -13.04
C LYS A 139 10.76 -6.80 -13.39
N TYR A 140 9.43 -6.89 -13.34
CA TYR A 140 8.74 -8.15 -13.58
C TYR A 140 8.86 -8.56 -15.04
N ARG A 141 9.22 -9.82 -15.25
CA ARG A 141 9.36 -10.37 -16.60
C ARG A 141 8.15 -11.24 -16.96
#